data_4XMQ
#
_entry.id   4XMQ
#
_cell.length_a   42.330
_cell.length_b   137.510
_cell.length_c   49.100
_cell.angle_alpha   90.000
_cell.angle_beta   94.460
_cell.angle_gamma   90.000
#
_symmetry.space_group_name_H-M   'P 1 21 1'
#
loop_
_entity.id
_entity.type
_entity.pdbx_description
1 polymer 'Putative methyl-accepting chemotaxis signal transduction protein'
2 non-polymer 'SULFATE ION'
3 water water
#
_entity_poly.entity_id   1
_entity_poly.type   'polypeptide(L)'
_entity_poly.pdbx_seq_one_letter_code
;GIDPFTKTSLYESTLKNQTDLLKVTQSTVEDFRSTNQSFTRALEKDIANLPYQSLITEENIINNVGPILKYYRHSINALN
VYLGLNNGKVLLSQKSNDAKMPELRDDLDIKTKDWYQEALKTNDIFVTPAYLDTVLKQYVITYSKAIYKDGKIIGVLGVD
IPSEDLQNLVAKTPGNTFLFDQKNKIFAATNKELLNPSIDHSPVLNAYKLNGDNNFFSYKLNNEERLGACTKVFAYTACI
TESADIINKPIYKA
;
_entity_poly.pdbx_strand_id   A,B
#
# COMPACT_ATOMS: atom_id res chain seq x y z
N ASP A 3 -22.82 38.27 5.25
CA ASP A 3 -21.64 39.16 5.03
C ASP A 3 -20.66 38.45 4.09
N PRO A 4 -20.25 39.14 3.03
CA PRO A 4 -19.28 38.54 2.08
C PRO A 4 -18.08 37.97 2.79
N PHE A 5 -17.72 38.48 3.96
CA PHE A 5 -16.51 38.02 4.63
C PHE A 5 -16.73 36.62 5.14
N THR A 6 -17.89 36.37 5.71
CA THR A 6 -18.15 35.06 6.28
C THR A 6 -18.29 34.01 5.20
N LYS A 7 -19.08 34.29 4.19
CA LYS A 7 -19.24 33.33 3.10
C LYS A 7 -17.92 33.00 2.45
N THR A 8 -17.10 34.02 2.25
CA THR A 8 -15.78 33.83 1.67
C THR A 8 -14.93 32.91 2.53
N SER A 9 -15.00 33.10 3.84
CA SER A 9 -14.21 32.29 4.76
C SER A 9 -14.67 30.83 4.69
N LEU A 10 -15.96 30.61 4.57
CA LEU A 10 -16.52 29.24 4.45
C LEU A 10 -16.11 28.62 3.10
N TYR A 11 -16.12 29.41 2.05
CA TYR A 11 -15.79 28.93 0.73
C TYR A 11 -14.32 28.55 0.72
N GLU A 12 -13.43 29.44 1.17
CA GLU A 12 -12.01 29.15 1.17
C GLU A 12 -11.65 27.92 1.98
N SER A 13 -12.35 27.71 3.08
CA SER A 13 -12.15 26.56 3.95
C SER A 13 -12.55 25.27 3.27
N THR A 14 -13.75 25.24 2.70
CA THR A 14 -14.25 24.00 2.10
C THR A 14 -13.48 23.70 0.84
N LEU A 15 -13.01 24.74 0.16
CA LEU A 15 -12.16 24.54 -1.00
C LEU A 15 -10.91 23.80 -0.56
N LYS A 16 -10.21 24.30 0.45
CA LYS A 16 -8.97 23.65 0.92
C LYS A 16 -9.19 22.22 1.36
N ASN A 17 -10.25 21.96 2.06
N ASN A 17 -10.25 22.01 2.02
CA ASN A 17 -10.61 20.63 2.58
CA ASN A 17 -10.60 20.70 2.54
C ASN A 17 -10.90 19.65 1.45
C ASN A 17 -10.89 19.72 1.42
N GLN A 18 -11.74 20.10 0.50
CA GLN A 18 -12.13 19.20 -0.57
C GLN A 18 -10.98 18.92 -1.48
N THR A 19 -10.12 19.91 -1.70
N THR A 19 -10.14 19.94 -1.71
CA THR A 19 -8.92 19.66 -2.51
CA THR A 19 -8.89 19.79 -2.44
C THR A 19 -7.89 18.77 -1.78
C THR A 19 -7.95 18.76 -1.77
N ASP A 20 -7.82 18.86 -0.45
CA ASP A 20 -6.99 17.91 0.33
C ASP A 20 -7.54 16.49 0.19
N LEU A 21 -8.85 16.33 0.23
CA LEU A 21 -9.45 15.00 0.12
C LEU A 21 -9.24 14.43 -1.28
N LEU A 22 -9.35 15.28 -2.30
CA LEU A 22 -9.12 14.84 -3.67
C LEU A 22 -7.69 14.32 -3.80
N LYS A 23 -6.73 15.00 -3.19
CA LYS A 23 -5.33 14.57 -3.19
C LYS A 23 -5.17 13.17 -2.63
N VAL A 24 -5.93 12.86 -1.58
CA VAL A 24 -5.85 11.51 -0.96
C VAL A 24 -6.32 10.43 -1.94
N THR A 25 -7.38 10.69 -2.68
CA THR A 25 -7.86 9.75 -3.69
C THR A 25 -6.86 9.65 -4.84
N GLN A 26 -6.30 10.78 -5.27
CA GLN A 26 -5.24 10.77 -6.27
C GLN A 26 -4.05 9.91 -5.80
N SER A 27 -3.60 10.10 -4.58
CA SER A 27 -2.51 9.31 -4.01
C SER A 27 -2.85 7.83 -3.97
N THR A 28 -4.09 7.51 -3.63
CA THR A 28 -4.56 6.14 -3.57
C THR A 28 -4.31 5.46 -4.94
N VAL A 29 -4.72 6.11 -6.02
CA VAL A 29 -4.56 5.55 -7.35
C VAL A 29 -3.07 5.42 -7.65
N GLU A 30 -2.32 6.47 -7.39
CA GLU A 30 -0.88 6.47 -7.66
C GLU A 30 -0.15 5.34 -6.94
N ASP A 31 -0.43 5.15 -5.66
CA ASP A 31 0.28 4.21 -4.84
C ASP A 31 -0.07 2.74 -5.22
N PHE A 32 -1.31 2.54 -5.60
CA PHE A 32 -1.77 1.24 -6.12
C PHE A 32 -0.98 0.89 -7.36
N ARG A 33 -0.90 1.82 -8.29
CA ARG A 33 -0.19 1.55 -9.55
C ARG A 33 1.32 1.31 -9.27
N SER A 34 1.92 2.17 -8.46
N SER A 34 1.91 2.18 -8.46
CA SER A 34 3.38 2.06 -8.26
CA SER A 34 3.36 2.10 -8.20
C SER A 34 3.77 0.77 -7.53
C SER A 34 3.74 0.77 -7.55
N THR A 35 2.91 0.31 -6.62
CA THR A 35 3.15 -0.94 -5.94
C THR A 35 3.14 -2.11 -6.91
N ASN A 36 2.16 -2.12 -7.79
CA ASN A 36 2.04 -3.17 -8.77
C ASN A 36 3.15 -3.11 -9.81
N GLN A 37 3.58 -1.90 -10.19
CA GLN A 37 4.73 -1.75 -11.11
C GLN A 37 6.03 -2.22 -10.48
N SER A 38 6.30 -1.85 -9.24
CA SER A 38 7.46 -2.32 -8.54
C SER A 38 7.58 -3.86 -8.45
N PHE A 39 6.43 -4.48 -8.17
CA PHE A 39 6.27 -5.91 -8.11
C PHE A 39 6.66 -6.50 -9.48
N THR A 40 6.07 -5.95 -10.52
CA THR A 40 6.27 -6.48 -11.90
C THR A 40 7.73 -6.37 -12.27
N ARG A 41 8.35 -5.24 -11.96
CA ARG A 41 9.76 -5.01 -12.27
C ARG A 41 10.66 -5.97 -11.55
N ALA A 42 10.37 -6.21 -10.27
CA ALA A 42 11.10 -7.20 -9.51
C ALA A 42 11.05 -8.60 -10.12
N LEU A 43 9.85 -8.96 -10.56
CA LEU A 43 9.63 -10.27 -11.20
C LEU A 43 10.39 -10.36 -12.49
N GLU A 44 10.36 -9.28 -13.26
CA GLU A 44 11.15 -9.20 -14.51
C GLU A 44 12.61 -9.45 -14.21
N LYS A 45 13.15 -8.80 -13.20
CA LYS A 45 14.57 -8.88 -12.89
C LYS A 45 14.93 -10.30 -12.45
N ASP A 46 14.06 -10.94 -11.66
CA ASP A 46 14.33 -12.31 -11.20
C ASP A 46 14.29 -13.33 -12.36
N ILE A 47 13.42 -13.12 -13.31
CA ILE A 47 13.36 -14.02 -14.49
C ILE A 47 14.57 -13.81 -15.36
N ALA A 48 14.93 -12.56 -15.63
CA ALA A 48 16.07 -12.26 -16.52
C ALA A 48 17.39 -12.67 -15.90
N ASN A 49 17.44 -12.74 -14.59
N ASN A 49 17.47 -12.74 -14.59
CA ASN A 49 18.66 -13.14 -13.87
CA ASN A 49 18.72 -13.14 -13.92
C ASN A 49 19.00 -14.61 -14.04
C ASN A 49 18.99 -14.64 -13.98
N LEU A 50 18.02 -15.41 -14.41
CA LEU A 50 18.25 -16.85 -14.64
C LEU A 50 19.25 -17.05 -15.79
N PRO A 51 20.07 -18.09 -15.69
CA PRO A 51 20.95 -18.38 -16.84
C PRO A 51 20.13 -18.66 -18.07
N TYR A 52 20.68 -18.38 -19.27
CA TYR A 52 19.94 -18.63 -20.50
C TYR A 52 19.51 -20.08 -20.59
N GLN A 53 20.36 -21.01 -20.14
CA GLN A 53 20.01 -22.41 -20.23
C GLN A 53 18.65 -22.72 -19.57
N SER A 54 18.33 -21.98 -18.51
CA SER A 54 17.07 -22.15 -17.81
C SER A 54 15.88 -21.54 -18.52
N LEU A 55 16.14 -20.74 -19.56
CA LEU A 55 15.12 -19.99 -20.26
C LEU A 55 14.81 -20.43 -21.70
N ILE A 56 15.65 -21.33 -22.25
CA ILE A 56 15.65 -21.52 -23.70
C ILE A 56 15.05 -22.83 -24.16
N THR A 57 14.59 -23.66 -23.21
CA THR A 57 13.66 -24.72 -23.54
C THR A 57 12.38 -24.57 -22.78
N GLU A 58 11.29 -25.04 -23.37
CA GLU A 58 9.97 -24.94 -22.75
C GLU A 58 9.91 -25.69 -21.41
N GLU A 59 10.49 -26.89 -21.36
CA GLU A 59 10.52 -27.65 -20.12
C GLU A 59 11.29 -26.90 -19.03
N ASN A 60 12.39 -26.27 -19.41
CA ASN A 60 13.18 -25.51 -18.43
C ASN A 60 12.42 -24.27 -17.98
N ILE A 61 11.68 -23.62 -18.88
CA ILE A 61 10.82 -22.47 -18.51
C ILE A 61 9.83 -22.92 -17.47
N ILE A 62 9.12 -24.00 -17.72
CA ILE A 62 8.14 -24.53 -16.77
C ILE A 62 8.78 -24.76 -15.42
N ASN A 63 9.91 -25.45 -15.37
CA ASN A 63 10.51 -25.87 -14.12
C ASN A 63 11.26 -24.78 -13.38
N ASN A 64 11.79 -23.81 -14.10
CA ASN A 64 12.59 -22.76 -13.49
C ASN A 64 11.85 -21.43 -13.29
N VAL A 65 11.04 -21.06 -14.25
CA VAL A 65 10.25 -19.83 -14.16
C VAL A 65 8.97 -20.06 -13.41
N GLY A 66 8.37 -21.23 -13.59
CA GLY A 66 7.11 -21.56 -12.96
C GLY A 66 7.05 -21.27 -11.48
N PRO A 67 8.06 -21.78 -10.70
CA PRO A 67 8.01 -21.54 -9.27
C PRO A 67 8.09 -20.04 -8.94
N ILE A 68 8.88 -19.29 -9.70
CA ILE A 68 8.99 -17.84 -9.47
C ILE A 68 7.63 -17.15 -9.64
N LEU A 69 6.92 -17.50 -10.72
CA LEU A 69 5.63 -16.95 -10.98
C LEU A 69 4.68 -17.21 -9.80
N LYS A 70 4.71 -18.43 -9.29
CA LYS A 70 3.85 -18.87 -8.21
C LYS A 70 4.13 -18.13 -6.90
N TYR A 71 5.41 -18.05 -6.52
CA TYR A 71 5.76 -17.32 -5.33
C TYR A 71 5.33 -15.88 -5.41
N TYR A 72 5.65 -15.23 -6.53
CA TYR A 72 5.26 -13.85 -6.73
C TYR A 72 3.75 -13.68 -6.67
N ARG A 73 3.01 -14.56 -7.35
CA ARG A 73 1.58 -14.53 -7.30
C ARG A 73 1.08 -14.57 -5.84
N HIS A 74 1.61 -15.52 -5.09
CA HIS A 74 1.19 -15.68 -3.70
C HIS A 74 1.52 -14.42 -2.90
N SER A 75 2.69 -13.86 -3.13
CA SER A 75 3.15 -12.78 -2.28
C SER A 75 2.22 -11.58 -2.27
N ILE A 76 1.55 -11.27 -3.39
N ILE A 76 1.53 -11.32 -3.40
CA ILE A 76 0.60 -10.16 -3.43
CA ILE A 76 0.67 -10.17 -3.57
C ILE A 76 -0.84 -10.58 -3.67
C ILE A 76 -0.81 -10.57 -3.75
N ASN A 77 -1.09 -11.89 -3.69
CA ASN A 77 -2.42 -12.42 -3.96
C ASN A 77 -2.97 -11.93 -5.32
N ALA A 78 -2.17 -12.10 -6.37
CA ALA A 78 -2.60 -11.76 -7.72
C ALA A 78 -3.55 -12.85 -8.25
N LEU A 79 -4.36 -12.50 -9.22
CA LEU A 79 -5.27 -13.47 -9.85
C LEU A 79 -4.49 -14.42 -10.76
N ASN A 80 -3.55 -13.86 -11.53
CA ASN A 80 -2.78 -14.63 -12.50
C ASN A 80 -1.41 -13.98 -12.61
N VAL A 81 -0.39 -14.79 -12.81
CA VAL A 81 0.93 -14.31 -13.14
C VAL A 81 1.42 -15.25 -14.27
N TYR A 82 1.92 -14.69 -15.34
CA TYR A 82 2.19 -15.48 -16.55
C TYR A 82 3.26 -14.91 -17.44
N LEU A 83 3.83 -15.77 -18.29
CA LEU A 83 4.89 -15.41 -19.20
C LEU A 83 4.55 -15.92 -20.59
N GLY A 84 4.31 -14.99 -21.51
CA GLY A 84 3.95 -15.34 -22.91
C GLY A 84 5.18 -15.38 -23.78
N LEU A 85 5.28 -16.44 -24.63
CA LEU A 85 6.39 -16.64 -25.52
C LEU A 85 6.07 -16.40 -27.00
N ASN A 86 7.12 -16.15 -27.79
CA ASN A 86 6.94 -15.87 -29.24
C ASN A 86 6.34 -17.02 -30.05
N ASN A 87 6.28 -18.19 -29.48
CA ASN A 87 5.59 -19.33 -30.14
C ASN A 87 4.11 -19.40 -29.82
N GLY A 88 3.63 -18.41 -29.06
CA GLY A 88 2.22 -18.33 -28.74
C GLY A 88 1.80 -18.97 -27.44
N LYS A 89 2.70 -19.71 -26.85
CA LYS A 89 2.39 -20.38 -25.57
C LYS A 89 2.60 -19.44 -24.41
N VAL A 90 1.87 -19.67 -23.32
N VAL A 90 1.85 -19.70 -23.33
CA VAL A 90 2.06 -18.85 -22.10
CA VAL A 90 1.91 -18.94 -22.06
C VAL A 90 2.09 -19.71 -20.85
C VAL A 90 2.17 -19.88 -20.91
N LEU A 91 3.17 -19.54 -20.07
CA LEU A 91 3.34 -20.24 -18.78
C LEU A 91 2.46 -19.50 -17.77
N LEU A 92 1.43 -20.17 -17.28
CA LEU A 92 0.38 -19.54 -16.46
C LEU A 92 0.32 -20.05 -15.04
N SER A 93 0.44 -19.12 -14.07
CA SER A 93 0.22 -19.40 -12.68
C SER A 93 -1.08 -18.71 -12.26
N GLN A 94 -2.08 -19.51 -11.91
CA GLN A 94 -3.41 -19.01 -11.64
C GLN A 94 -3.95 -19.31 -10.28
N LYS A 95 -4.63 -18.33 -9.68
CA LYS A 95 -5.19 -18.49 -8.37
C LYS A 95 -6.30 -19.54 -8.36
N SER A 96 -7.02 -19.64 -9.47
CA SER A 96 -8.13 -20.59 -9.56
C SER A 96 -7.69 -22.06 -9.63
N ASN A 97 -6.41 -22.27 -9.95
N ASN A 97 -6.42 -22.29 -9.97
CA ASN A 97 -5.80 -23.60 -9.99
CA ASN A 97 -5.83 -23.64 -9.96
C ASN A 97 -4.53 -23.61 -9.13
C ASN A 97 -4.53 -23.60 -9.14
N ASP A 98 -4.69 -23.24 -7.88
CA ASP A 98 -3.54 -22.99 -7.00
C ASP A 98 -2.71 -24.24 -6.66
N ALA A 99 -3.33 -25.42 -6.64
CA ALA A 99 -2.61 -26.65 -6.23
C ALA A 99 -1.82 -27.30 -7.37
N LYS A 100 -2.10 -26.87 -8.60
CA LYS A 100 -1.42 -27.45 -9.77
C LYS A 100 -0.22 -26.59 -10.16
N MET A 101 0.89 -27.19 -10.58
CA MET A 101 2.07 -26.41 -11.00
C MET A 101 1.71 -25.57 -12.24
N PRO A 102 2.39 -24.42 -12.45
CA PRO A 102 2.11 -23.65 -13.64
C PRO A 102 2.35 -24.48 -14.92
N GLU A 103 1.47 -24.32 -15.85
CA GLU A 103 1.53 -25.06 -17.11
C GLU A 103 1.56 -24.16 -18.34
N LEU A 104 2.03 -24.73 -19.45
N LEU A 104 2.09 -24.71 -19.43
CA LEU A 104 2.19 -24.05 -20.71
CA LEU A 104 2.14 -24.05 -20.70
C LEU A 104 0.90 -24.22 -21.52
C LEU A 104 0.81 -24.24 -21.40
N ARG A 105 0.15 -23.13 -21.68
CA ARG A 105 -1.12 -23.15 -22.40
C ARG A 105 -0.88 -22.66 -23.82
N ASP A 106 -1.52 -23.31 -24.80
CA ASP A 106 -1.34 -22.88 -26.19
C ASP A 106 -2.57 -22.22 -26.81
N ASP A 107 -3.58 -21.97 -26.00
CA ASP A 107 -4.90 -21.63 -26.48
C ASP A 107 -5.37 -20.25 -26.14
N LEU A 108 -4.45 -19.37 -25.77
CA LEU A 108 -4.87 -18.05 -25.22
C LEU A 108 -4.74 -16.90 -26.23
N ASP A 109 -4.43 -17.23 -27.49
N ASP A 109 -4.36 -17.22 -27.46
CA ASP A 109 -4.37 -16.26 -28.59
CA ASP A 109 -4.36 -16.27 -28.56
C ASP A 109 -3.61 -14.97 -28.22
C ASP A 109 -3.61 -14.97 -28.22
N ILE A 110 -2.41 -15.12 -27.67
CA ILE A 110 -1.76 -13.96 -27.00
C ILE A 110 -1.30 -12.85 -27.91
N LYS A 111 -1.00 -13.19 -29.17
CA LYS A 111 -0.51 -12.19 -30.13
C LYS A 111 -1.61 -11.26 -30.65
N THR A 112 -2.84 -11.52 -30.25
CA THR A 112 -3.92 -10.58 -30.54
C THR A 112 -4.32 -9.75 -29.31
N LYS A 113 -3.63 -9.96 -28.17
CA LYS A 113 -3.98 -9.27 -26.92
C LYS A 113 -3.11 -8.03 -26.71
N ASP A 114 -3.72 -6.96 -26.22
CA ASP A 114 -2.98 -5.76 -25.98
C ASP A 114 -1.84 -5.90 -24.94
N TRP A 115 -2.07 -6.71 -23.90
CA TRP A 115 -1.03 -6.88 -22.86
C TRP A 115 0.27 -7.40 -23.45
N TYR A 116 0.16 -8.28 -24.45
CA TYR A 116 1.30 -8.84 -25.17
C TYR A 116 1.84 -7.86 -26.20
N GLN A 117 0.95 -7.45 -27.13
CA GLN A 117 1.36 -6.60 -28.23
C GLN A 117 1.97 -5.27 -27.77
N GLU A 118 1.32 -4.62 -26.80
CA GLU A 118 1.77 -3.32 -26.36
C GLU A 118 3.06 -3.33 -25.57
N ALA A 119 3.32 -4.41 -24.84
CA ALA A 119 4.59 -4.58 -24.12
C ALA A 119 5.78 -4.68 -25.05
N LEU A 120 5.53 -5.15 -26.28
CA LEU A 120 6.61 -5.21 -27.27
C LEU A 120 6.86 -3.87 -27.96
N LYS A 121 5.95 -2.93 -27.77
CA LYS A 121 6.05 -1.62 -28.40
C LYS A 121 6.56 -0.53 -27.45
N THR A 122 6.80 -0.86 -26.19
CA THR A 122 7.36 0.06 -25.21
C THR A 122 8.38 -0.66 -24.33
N ASN A 123 9.37 0.05 -23.84
CA ASN A 123 10.30 -0.47 -22.90
C ASN A 123 9.86 -0.30 -21.45
N ASP A 124 8.67 0.26 -21.25
CA ASP A 124 8.10 0.39 -19.91
C ASP A 124 7.10 -0.74 -19.67
N ILE A 125 6.67 -0.83 -18.42
CA ILE A 125 5.50 -1.57 -18.06
C ILE A 125 4.27 -1.00 -18.78
N PHE A 126 3.43 -1.88 -19.32
CA PHE A 126 2.20 -1.45 -19.95
C PHE A 126 1.07 -1.78 -19.00
N VAL A 127 0.15 -0.83 -18.80
CA VAL A 127 -0.98 -1.06 -17.90
C VAL A 127 -2.26 -1.05 -18.74
N THR A 128 -2.98 -2.16 -18.76
CA THR A 128 -4.23 -2.24 -19.54
C THR A 128 -5.33 -1.46 -18.84
N PRO A 129 -6.24 -0.87 -19.60
CA PRO A 129 -7.48 -0.47 -18.98
C PRO A 129 -8.16 -1.70 -18.32
N ALA A 130 -8.93 -1.51 -17.27
CA ALA A 130 -9.70 -2.60 -16.67
C ALA A 130 -10.55 -3.35 -17.71
N TYR A 131 -10.42 -4.67 -17.76
CA TYR A 131 -11.23 -5.46 -18.70
C TYR A 131 -11.83 -6.69 -18.05
N LEU A 132 -12.86 -7.25 -18.68
CA LEU A 132 -13.48 -8.49 -18.21
C LEU A 132 -12.63 -9.72 -18.45
N ASP A 133 -12.29 -10.39 -17.36
CA ASP A 133 -11.85 -11.76 -17.44
C ASP A 133 -13.17 -12.54 -17.41
N THR A 134 -13.61 -12.97 -18.58
CA THR A 134 -14.82 -13.76 -18.68
C THR A 134 -14.53 -15.25 -18.41
N VAL A 135 -13.32 -15.51 -17.91
CA VAL A 135 -13.05 -16.74 -17.20
C VAL A 135 -13.40 -16.46 -15.74
N LEU A 136 -12.78 -15.43 -15.17
CA LEU A 136 -12.86 -15.14 -13.74
C LEU A 136 -14.11 -14.40 -13.29
N LYS A 137 -14.89 -13.90 -14.23
CA LYS A 137 -16.14 -13.23 -13.87
C LYS A 137 -15.78 -11.92 -13.18
N GLN A 138 -14.70 -11.30 -13.63
CA GLN A 138 -14.05 -10.30 -12.83
C GLN A 138 -13.33 -9.24 -13.67
N TYR A 139 -13.54 -7.96 -13.31
CA TYR A 139 -12.77 -6.85 -13.89
C TYR A 139 -11.31 -6.96 -13.40
N VAL A 140 -10.37 -7.00 -14.33
N VAL A 140 -10.37 -7.00 -14.33
N VAL A 140 -10.38 -6.91 -14.34
CA VAL A 140 -8.93 -7.06 -13.97
CA VAL A 140 -8.94 -7.06 -13.98
CA VAL A 140 -8.96 -7.08 -14.05
C VAL A 140 -8.16 -5.90 -14.58
C VAL A 140 -8.16 -5.90 -14.58
C VAL A 140 -8.15 -5.92 -14.62
N ILE A 141 -7.06 -5.53 -13.93
CA ILE A 141 -6.09 -4.60 -14.50
C ILE A 141 -4.83 -5.43 -14.70
N THR A 142 -4.29 -5.41 -15.89
CA THR A 142 -3.11 -6.21 -16.21
C THR A 142 -1.89 -5.30 -16.39
N TYR A 143 -0.80 -5.69 -15.75
CA TYR A 143 0.50 -5.09 -15.89
C TYR A 143 1.35 -6.05 -16.72
N SER A 144 1.93 -5.56 -17.81
CA SER A 144 2.77 -6.40 -18.63
C SER A 144 4.10 -5.73 -18.94
N LYS A 145 5.10 -6.55 -19.22
CA LYS A 145 6.45 -6.11 -19.42
C LYS A 145 7.20 -7.13 -20.27
N ALA A 146 7.76 -6.66 -21.37
CA ALA A 146 8.65 -7.49 -22.17
C ALA A 146 9.96 -7.68 -21.43
N ILE A 147 10.38 -8.93 -21.25
CA ILE A 147 11.57 -9.27 -20.52
C ILE A 147 12.74 -9.58 -21.45
N TYR A 148 13.82 -8.86 -21.30
CA TYR A 148 15.02 -9.03 -22.11
C TYR A 148 16.18 -9.45 -21.25
N LYS A 149 16.98 -10.40 -21.77
CA LYS A 149 18.23 -10.77 -21.13
C LYS A 149 19.34 -10.47 -22.10
N ASP A 150 20.16 -9.49 -21.72
CA ASP A 150 21.23 -9.00 -22.55
C ASP A 150 20.73 -8.66 -23.96
N GLY A 151 19.61 -7.96 -24.01
CA GLY A 151 19.07 -7.49 -25.27
C GLY A 151 18.21 -8.51 -26.03
N LYS A 152 18.10 -9.71 -25.49
CA LYS A 152 17.41 -10.79 -26.15
C LYS A 152 16.04 -11.00 -25.50
N ILE A 153 14.98 -10.89 -26.26
CA ILE A 153 13.62 -11.09 -25.75
C ILE A 153 13.38 -12.50 -25.26
N ILE A 154 12.98 -12.61 -23.99
CA ILE A 154 12.58 -13.93 -23.45
C ILE A 154 11.11 -14.17 -23.66
N GLY A 155 10.29 -13.18 -23.27
CA GLY A 155 8.88 -13.25 -23.37
C GLY A 155 8.24 -12.06 -22.71
N VAL A 156 6.91 -12.04 -22.66
CA VAL A 156 6.16 -10.92 -22.06
C VAL A 156 5.55 -11.41 -20.78
N LEU A 157 5.95 -10.76 -19.68
CA LEU A 157 5.38 -11.02 -18.36
C LEU A 157 4.03 -10.33 -18.22
N GLY A 158 3.07 -11.01 -17.63
CA GLY A 158 1.77 -10.42 -17.31
C GLY A 158 1.32 -10.72 -15.89
N VAL A 159 0.76 -9.69 -15.26
CA VAL A 159 0.27 -9.78 -13.88
C VAL A 159 -1.15 -9.21 -13.84
N ASP A 160 -2.11 -10.05 -13.42
CA ASP A 160 -3.50 -9.67 -13.32
C ASP A 160 -3.85 -9.35 -11.89
N ILE A 161 -4.29 -8.13 -11.65
CA ILE A 161 -4.74 -7.66 -10.33
C ILE A 161 -6.25 -7.37 -10.43
N PRO A 162 -7.04 -7.82 -9.43
CA PRO A 162 -8.45 -7.48 -9.44
C PRO A 162 -8.68 -5.97 -9.36
N SER A 163 -9.43 -5.41 -10.31
CA SER A 163 -9.73 -3.98 -10.24
C SER A 163 -10.50 -3.69 -8.97
N GLU A 164 -11.22 -4.67 -8.45
N GLU A 164 -11.22 -4.68 -8.46
CA GLU A 164 -11.93 -4.49 -7.15
CA GLU A 164 -11.90 -4.52 -7.16
C GLU A 164 -10.96 -4.09 -6.02
C GLU A 164 -10.96 -4.08 -6.04
N ASP A 165 -9.70 -4.43 -6.15
CA ASP A 165 -8.75 -4.01 -5.13
C ASP A 165 -8.62 -2.47 -5.07
N LEU A 166 -8.59 -1.85 -6.23
CA LEU A 166 -8.48 -0.39 -6.32
C LEU A 166 -9.83 0.22 -5.90
N GLN A 167 -10.90 -0.41 -6.33
N GLN A 167 -10.94 -0.36 -6.35
CA GLN A 167 -12.23 0.05 -5.99
CA GLN A 167 -12.24 0.17 -5.89
C GLN A 167 -12.49 0.01 -4.47
C GLN A 167 -12.34 0.12 -4.38
N ASN A 168 -11.92 -1.00 -3.79
CA ASN A 168 -12.01 -1.10 -2.36
C ASN A 168 -11.20 -0.03 -1.62
N LEU A 169 -10.03 0.28 -2.13
CA LEU A 169 -9.19 1.35 -1.56
C LEU A 169 -9.87 2.70 -1.70
N VAL A 170 -10.38 2.98 -2.92
CA VAL A 170 -11.07 4.29 -3.14
C VAL A 170 -12.28 4.44 -2.23
N ALA A 171 -13.05 3.36 -2.06
CA ALA A 171 -14.26 3.42 -1.25
C ALA A 171 -14.03 3.79 0.18
N LYS A 172 -12.86 3.47 0.72
CA LYS A 172 -12.51 3.81 2.10
C LYS A 172 -11.89 5.19 2.29
N THR A 173 -11.66 5.93 1.19
CA THR A 173 -11.08 7.26 1.32
C THR A 173 -12.13 8.22 1.87
N PRO A 174 -11.68 9.23 2.60
CA PRO A 174 -12.60 10.28 3.04
C PRO A 174 -13.15 11.06 1.84
N GLY A 175 -14.23 11.76 2.07
CA GLY A 175 -14.81 12.59 1.02
C GLY A 175 -15.61 11.82 0.01
N ASN A 176 -16.53 12.54 -0.65
CA ASN A 176 -17.32 11.96 -1.72
C ASN A 176 -16.53 11.94 -3.01
N THR A 177 -15.51 11.08 -3.05
CA THR A 177 -14.61 10.96 -4.16
C THR A 177 -14.92 9.78 -5.04
N PHE A 178 -14.56 9.89 -6.32
CA PHE A 178 -14.89 8.84 -7.30
C PHE A 178 -14.00 8.96 -8.51
N LEU A 179 -13.93 7.87 -9.28
CA LEU A 179 -13.06 7.80 -10.46
C LEU A 179 -13.86 7.48 -11.71
N PHE A 180 -13.58 8.21 -12.78
CA PHE A 180 -14.02 7.86 -14.12
C PHE A 180 -12.87 7.19 -14.86
N ASP A 181 -13.21 6.21 -15.69
CA ASP A 181 -12.24 5.64 -16.63
C ASP A 181 -12.03 6.51 -17.88
N GLN A 182 -11.26 5.97 -18.84
CA GLN A 182 -10.88 6.68 -20.06
C GLN A 182 -12.09 7.09 -20.91
N LYS A 183 -13.20 6.37 -20.76
CA LYS A 183 -14.40 6.60 -21.55
C LYS A 183 -15.43 7.40 -20.73
N ASN A 184 -14.96 8.08 -19.67
CA ASN A 184 -15.82 8.85 -18.80
C ASN A 184 -16.95 8.05 -18.20
N LYS A 185 -16.71 6.78 -17.92
CA LYS A 185 -17.66 5.95 -17.24
C LYS A 185 -17.20 5.73 -15.80
N ILE A 186 -18.14 5.69 -14.89
CA ILE A 186 -17.85 5.51 -13.51
C ILE A 186 -17.15 4.18 -13.27
N PHE A 187 -16.08 4.24 -12.47
CA PHE A 187 -15.22 3.09 -12.22
C PHE A 187 -15.08 2.72 -10.75
N ALA A 188 -14.90 3.74 -9.90
CA ALA A 188 -14.77 3.51 -8.48
C ALA A 188 -15.38 4.72 -7.77
N ALA A 189 -15.85 4.49 -6.58
CA ALA A 189 -16.56 5.52 -5.80
C ALA A 189 -16.61 5.24 -4.32
N THR A 190 -16.53 6.29 -3.51
CA THR A 190 -16.74 6.18 -2.09
C THR A 190 -18.16 5.71 -1.79
N ASN A 191 -19.11 6.33 -2.49
CA ASN A 191 -20.49 5.94 -2.39
C ASN A 191 -20.74 4.85 -3.38
N LYS A 192 -20.91 3.63 -2.89
CA LYS A 192 -21.04 2.48 -3.83
C LYS A 192 -22.29 2.57 -4.70
N GLU A 193 -23.27 3.35 -4.28
CA GLU A 193 -24.46 3.56 -5.12
C GLU A 193 -24.14 4.23 -6.45
N LEU A 194 -23.01 4.90 -6.56
CA LEU A 194 -22.59 5.49 -7.82
C LEU A 194 -22.14 4.46 -8.83
N LEU A 195 -21.90 3.21 -8.39
CA LEU A 195 -21.34 2.15 -9.27
C LEU A 195 -22.47 1.56 -10.08
N ASN A 196 -22.87 2.33 -11.08
CA ASN A 196 -24.15 2.14 -11.78
C ASN A 196 -24.15 3.00 -13.04
N PRO A 197 -24.17 2.35 -14.23
CA PRO A 197 -24.01 3.09 -15.47
C PRO A 197 -25.21 3.95 -15.87
N SER A 198 -26.29 3.87 -15.13
CA SER A 198 -27.54 4.59 -15.46
C SER A 198 -27.45 6.08 -15.12
N ILE A 199 -26.57 6.41 -14.20
CA ILE A 199 -26.52 7.76 -13.66
C ILE A 199 -25.75 8.66 -14.65
N ASP A 200 -26.26 9.87 -14.84
CA ASP A 200 -25.57 10.83 -15.72
C ASP A 200 -24.57 11.68 -14.90
N HIS A 201 -23.42 11.97 -15.46
CA HIS A 201 -22.50 12.89 -14.78
C HIS A 201 -22.08 14.06 -15.70
N SER A 202 -22.98 14.45 -16.62
CA SER A 202 -22.64 15.49 -17.60
C SER A 202 -22.27 16.83 -16.94
N PRO A 203 -23.00 17.19 -15.92
CA PRO A 203 -22.73 18.47 -15.28
C PRO A 203 -21.35 18.54 -14.62
N VAL A 204 -20.99 17.49 -13.87
CA VAL A 204 -19.65 17.47 -13.26
C VAL A 204 -18.61 17.42 -14.36
N LEU A 205 -18.83 16.56 -15.38
CA LEU A 205 -17.86 16.42 -16.46
C LEU A 205 -17.71 17.71 -17.28
N ASN A 206 -18.81 18.42 -17.46
CA ASN A 206 -18.82 19.70 -18.19
C ASN A 206 -18.16 20.81 -17.38
N ALA A 207 -18.41 20.82 -16.07
CA ALA A 207 -17.77 21.77 -15.17
C ALA A 207 -16.26 21.53 -15.13
N TYR A 208 -15.83 20.26 -15.09
CA TYR A 208 -14.40 19.91 -15.12
C TYR A 208 -13.74 20.37 -16.43
N LYS A 209 -14.45 20.15 -17.53
CA LYS A 209 -14.04 20.58 -18.88
C LYS A 209 -13.75 22.10 -18.93
N LEU A 210 -14.63 22.90 -18.31
N LEU A 210 -14.63 22.89 -18.31
CA LEU A 210 -14.47 24.35 -18.30
CA LEU A 210 -14.48 24.35 -18.29
C LEU A 210 -13.39 24.85 -17.34
C LEU A 210 -13.38 24.85 -17.35
N ASN A 211 -13.14 24.10 -16.27
CA ASN A 211 -12.29 24.56 -15.17
C ASN A 211 -10.89 23.96 -15.08
N GLY A 212 -10.73 22.73 -15.57
CA GLY A 212 -9.45 22.04 -15.61
C GLY A 212 -9.04 21.46 -14.27
N ASP A 213 -7.86 20.86 -14.24
CA ASP A 213 -7.41 20.05 -13.12
C ASP A 213 -7.35 20.82 -11.82
N ASN A 214 -7.92 20.24 -10.76
CA ASN A 214 -7.75 20.75 -9.39
C ASN A 214 -8.31 22.12 -9.19
N ASN A 215 -9.20 22.55 -10.08
CA ASN A 215 -9.85 23.85 -9.95
C ASN A 215 -11.28 23.69 -9.46
N PHE A 216 -11.55 24.21 -8.26
CA PHE A 216 -12.84 24.09 -7.58
C PHE A 216 -13.91 24.81 -8.38
N PHE A 217 -15.07 24.20 -8.47
CA PHE A 217 -16.17 24.74 -9.28
C PHE A 217 -17.53 24.53 -8.65
N SER A 218 -18.51 25.27 -9.20
CA SER A 218 -19.90 25.14 -8.77
C SER A 218 -20.64 24.52 -9.90
N TYR A 219 -21.64 23.67 -9.57
CA TYR A 219 -22.52 23.10 -10.58
C TYR A 219 -23.87 22.76 -9.96
N LYS A 220 -24.83 22.32 -10.79
CA LYS A 220 -26.20 22.09 -10.35
C LYS A 220 -26.62 20.62 -10.45
N LEU A 221 -27.37 20.16 -9.45
CA LEU A 221 -28.04 18.84 -9.48
C LEU A 221 -29.45 19.06 -8.95
N ASN A 222 -30.47 18.67 -9.74
CA ASN A 222 -31.88 18.89 -9.34
C ASN A 222 -32.12 20.36 -8.95
N ASN A 223 -31.46 21.27 -9.71
CA ASN A 223 -31.50 22.70 -9.45
C ASN A 223 -30.94 23.15 -8.08
N GLU A 224 -30.18 22.28 -7.41
CA GLU A 224 -29.45 22.65 -6.17
C GLU A 224 -27.98 22.82 -6.50
N GLU A 225 -27.32 23.73 -5.77
CA GLU A 225 -25.92 24.02 -6.02
C GLU A 225 -25.00 22.98 -5.32
N ARG A 226 -24.01 22.55 -6.04
CA ARG A 226 -22.97 21.64 -5.54
C ARG A 226 -21.61 22.22 -5.87
N LEU A 227 -20.58 21.74 -5.16
CA LEU A 227 -19.24 22.19 -5.38
C LEU A 227 -18.37 20.97 -5.63
N GLY A 228 -17.39 21.13 -6.48
CA GLY A 228 -16.51 20.01 -6.78
C GLY A 228 -15.21 20.40 -7.41
N ALA A 229 -14.36 19.38 -7.63
CA ALA A 229 -13.11 19.54 -8.33
C ALA A 229 -12.75 18.13 -8.89
N CYS A 230 -12.13 18.12 -10.06
CA CYS A 230 -11.60 16.90 -10.66
C CYS A 230 -10.16 17.08 -11.09
N THR A 231 -9.46 15.95 -11.28
CA THR A 231 -8.12 15.99 -11.78
C THR A 231 -7.82 14.71 -12.50
N LYS A 232 -6.96 14.81 -13.48
CA LYS A 232 -6.51 13.64 -14.27
C LYS A 232 -5.52 12.89 -13.39
N VAL A 233 -5.70 11.58 -13.32
CA VAL A 233 -4.75 10.70 -12.66
C VAL A 233 -4.54 9.54 -13.61
N PHE A 234 -3.36 9.50 -14.22
CA PHE A 234 -3.10 8.58 -15.34
C PHE A 234 -4.26 8.77 -16.36
N ALA A 235 -4.94 7.69 -16.74
CA ALA A 235 -6.00 7.75 -17.70
C ALA A 235 -7.35 8.03 -17.03
N TYR A 236 -7.37 7.93 -15.69
CA TYR A 236 -8.54 8.19 -14.91
C TYR A 236 -8.85 9.69 -14.72
N THR A 237 -10.09 9.96 -14.39
CA THR A 237 -10.46 11.29 -13.88
C THR A 237 -10.94 11.10 -12.46
N ALA A 238 -10.25 11.74 -11.51
CA ALA A 238 -10.66 11.70 -10.11
C ALA A 238 -11.45 12.94 -9.73
N CYS A 239 -12.57 12.75 -9.07
CA CYS A 239 -13.42 13.91 -8.67
C CYS A 239 -13.80 13.85 -7.23
N ILE A 240 -14.20 15.01 -6.70
CA ILE A 240 -14.87 15.12 -5.44
C ILE A 240 -15.99 16.11 -5.61
N THR A 241 -17.15 15.81 -5.03
CA THR A 241 -18.25 16.77 -5.01
C THR A 241 -18.93 16.81 -3.64
N GLU A 242 -19.58 17.93 -3.35
CA GLU A 242 -20.36 18.07 -2.13
C GLU A 242 -21.50 19.01 -2.38
N SER A 243 -22.48 19.01 -1.48
CA SER A 243 -23.52 20.02 -1.48
C SER A 243 -22.92 21.37 -1.16
N ALA A 244 -23.41 22.42 -1.83
CA ALA A 244 -22.99 23.84 -1.50
C ALA A 244 -23.65 24.41 -0.24
N ASP A 245 -24.44 23.61 0.45
CA ASP A 245 -25.08 24.07 1.72
C ASP A 245 -24.06 24.57 2.74
N ILE A 246 -22.83 24.04 2.70
CA ILE A 246 -21.79 24.48 3.65
C ILE A 246 -21.43 25.97 3.51
N ILE A 247 -21.53 26.52 2.30
CA ILE A 247 -21.25 27.92 2.07
C ILE A 247 -22.51 28.79 2.06
N ASN A 248 -23.67 28.15 1.85
CA ASN A 248 -24.93 28.90 1.67
C ASN A 248 -25.81 28.96 2.92
N LYS A 249 -25.67 27.97 3.81
CA LYS A 249 -26.44 27.83 5.02
C LYS A 249 -25.50 27.85 6.24
N GLY B 1 -15.16 31.43 29.86
CA GLY B 1 -16.35 30.79 29.25
C GLY B 1 -16.03 30.12 27.92
N ILE B 2 -17.07 29.72 27.22
CA ILE B 2 -16.99 29.08 25.92
C ILE B 2 -16.58 30.08 24.84
N ASP B 3 -15.53 29.71 24.11
CA ASP B 3 -15.05 30.46 22.95
C ASP B 3 -16.13 30.55 21.89
N PRO B 4 -16.64 31.78 21.60
CA PRO B 4 -17.73 31.91 20.66
C PRO B 4 -17.42 31.32 19.25
N PHE B 5 -16.15 31.36 18.86
CA PHE B 5 -15.78 30.79 17.57
C PHE B 5 -16.11 29.30 17.47
N THR B 6 -16.12 28.61 18.61
CA THR B 6 -16.42 27.18 18.63
C THR B 6 -17.86 26.85 18.26
N LYS B 7 -18.73 27.86 18.23
CA LYS B 7 -20.13 27.67 17.83
C LYS B 7 -20.37 27.94 16.34
N THR B 8 -19.34 28.33 15.57
CA THR B 8 -19.51 28.62 14.16
C THR B 8 -19.51 27.33 13.30
N SER B 9 -20.14 27.41 12.15
CA SER B 9 -20.13 26.33 11.19
C SER B 9 -18.71 26.16 10.64
N LEU B 10 -17.97 27.26 10.56
CA LEU B 10 -16.61 27.21 10.08
C LEU B 10 -15.72 26.41 11.04
N TYR B 11 -15.89 26.60 12.36
CA TYR B 11 -15.11 25.76 13.32
C TYR B 11 -15.46 24.30 13.21
N GLU B 12 -16.76 24.02 13.06
CA GLU B 12 -17.21 22.64 12.99
C GLU B 12 -16.62 21.94 11.77
N SER B 13 -16.57 22.65 10.67
N SER B 13 -16.62 22.66 10.64
CA SER B 13 -16.09 22.05 9.42
CA SER B 13 -16.09 22.15 9.37
C SER B 13 -14.56 21.95 9.43
C SER B 13 -14.58 21.95 9.46
N THR B 14 -13.91 22.90 10.10
CA THR B 14 -12.49 22.83 10.32
C THR B 14 -12.10 21.59 11.12
N LEU B 15 -12.78 21.33 12.23
CA LEU B 15 -12.54 20.14 13.02
C LEU B 15 -12.84 18.86 12.25
N LYS B 16 -13.91 18.88 11.44
CA LYS B 16 -14.21 17.71 10.63
C LYS B 16 -13.04 17.41 9.68
N ASN B 17 -12.45 18.45 9.07
CA ASN B 17 -11.32 18.25 8.12
C ASN B 17 -10.12 17.70 8.90
N GLN B 18 -9.88 18.17 10.12
CA GLN B 18 -8.75 17.67 10.90
C GLN B 18 -8.99 16.21 11.28
N THR B 19 -10.22 15.89 11.62
CA THR B 19 -10.59 14.51 11.93
C THR B 19 -10.34 13.61 10.70
N ASP B 20 -10.80 14.05 9.53
CA ASP B 20 -10.60 13.32 8.29
C ASP B 20 -9.14 13.07 8.02
N LEU B 21 -8.31 14.08 8.21
CA LEU B 21 -6.87 13.94 7.94
C LEU B 21 -6.15 13.05 8.94
N LEU B 22 -6.53 13.13 10.21
CA LEU B 22 -6.00 12.21 11.19
C LEU B 22 -6.35 10.77 10.79
N LYS B 23 -7.58 10.56 10.33
CA LYS B 23 -8.02 9.20 9.95
C LYS B 23 -7.22 8.71 8.72
N VAL B 24 -6.84 9.62 7.82
CA VAL B 24 -5.97 9.21 6.69
C VAL B 24 -4.66 8.60 7.19
N THR B 25 -4.04 9.27 8.17
CA THR B 25 -2.80 8.83 8.72
C THR B 25 -3.03 7.50 9.44
N GLN B 26 -4.14 7.42 10.16
CA GLN B 26 -4.54 6.15 10.78
C GLN B 26 -4.65 4.99 9.76
N SER B 27 -5.33 5.25 8.68
CA SER B 27 -5.46 4.28 7.56
C SER B 27 -4.12 3.91 7.02
N THR B 28 -3.23 4.89 6.89
CA THR B 28 -1.88 4.61 6.35
C THR B 28 -1.17 3.54 7.16
N VAL B 29 -1.21 3.66 8.49
CA VAL B 29 -0.63 2.65 9.37
C VAL B 29 -1.34 1.29 9.27
N GLU B 30 -2.66 1.31 9.25
CA GLU B 30 -3.45 0.07 9.21
C GLU B 30 -3.16 -0.68 7.90
N ASP B 31 -3.13 0.01 6.79
CA ASP B 31 -3.02 -0.65 5.49
C ASP B 31 -1.60 -1.22 5.32
N PHE B 32 -0.60 -0.52 5.84
CA PHE B 32 0.77 -0.98 5.77
C PHE B 32 0.85 -2.29 6.56
N ARG B 33 0.35 -2.29 7.78
CA ARG B 33 0.43 -3.49 8.59
C ARG B 33 -0.28 -4.68 7.92
N SER B 34 -1.48 -4.44 7.43
N SER B 34 -1.49 -4.45 7.43
CA SER B 34 -2.31 -5.51 6.85
CA SER B 34 -2.28 -5.56 6.86
C SER B 34 -1.62 -6.14 5.62
C SER B 34 -1.62 -6.15 5.61
N THR B 35 -1.04 -5.29 4.77
CA THR B 35 -0.30 -5.75 3.60
C THR B 35 0.86 -6.64 4.02
N ASN B 36 1.62 -6.17 5.00
CA ASN B 36 2.79 -6.90 5.44
C ASN B 36 2.43 -8.20 6.14
N GLN B 37 1.35 -8.18 6.89
CA GLN B 37 0.86 -9.41 7.52
C GLN B 37 0.45 -10.46 6.45
N SER B 38 -0.24 -10.03 5.44
CA SER B 38 -0.70 -10.94 4.40
C SER B 38 0.50 -11.53 3.66
N PHE B 39 1.52 -10.70 3.42
CA PHE B 39 2.74 -11.13 2.74
C PHE B 39 3.40 -12.23 3.56
N THR B 40 3.53 -12.00 4.85
CA THR B 40 4.18 -12.93 5.77
C THR B 40 3.42 -14.28 5.84
N ARG B 41 2.09 -14.22 5.88
N ARG B 41 2.10 -14.22 5.89
CA ARG B 41 1.27 -15.44 5.89
CA ARG B 41 1.27 -15.44 5.89
C ARG B 41 1.45 -16.23 4.58
C ARG B 41 1.49 -16.23 4.59
N ALA B 42 1.54 -15.52 3.47
CA ALA B 42 1.75 -16.19 2.16
C ALA B 42 3.11 -16.91 2.15
N LEU B 43 4.14 -16.21 2.66
CA LEU B 43 5.45 -16.80 2.72
C LEU B 43 5.48 -18.06 3.59
N GLU B 44 4.90 -18.01 4.75
CA GLU B 44 4.86 -19.19 5.62
C GLU B 44 4.15 -20.35 4.91
N LYS B 45 3.05 -20.07 4.20
CA LYS B 45 2.29 -21.14 3.53
C LYS B 45 3.17 -21.80 2.46
N ASP B 46 3.94 -21.01 1.71
CA ASP B 46 4.83 -21.56 0.72
C ASP B 46 5.95 -22.39 1.27
N ILE B 47 6.55 -21.94 2.38
CA ILE B 47 7.58 -22.71 3.07
C ILE B 47 7.01 -24.04 3.57
N ALA B 48 5.85 -23.97 4.21
CA ALA B 48 5.24 -25.15 4.80
C ALA B 48 4.72 -26.11 3.74
N ASN B 49 4.56 -25.64 2.51
CA ASN B 49 4.13 -26.47 1.40
C ASN B 49 5.28 -27.32 0.84
N LEU B 50 6.53 -27.01 1.20
CA LEU B 50 7.64 -27.85 0.86
C LEU B 50 7.47 -29.23 1.53
N PRO B 51 7.91 -30.29 0.82
CA PRO B 51 7.77 -31.61 1.42
C PRO B 51 8.61 -31.72 2.71
N TYR B 52 8.15 -32.56 3.62
N TYR B 52 8.12 -32.52 3.63
CA TYR B 52 8.77 -32.73 4.93
CA TYR B 52 8.77 -32.78 4.90
C TYR B 52 10.28 -32.99 4.83
C TYR B 52 10.29 -32.95 4.78
N GLN B 53 10.71 -33.83 3.87
CA GLN B 53 12.12 -34.11 3.70
C GLN B 53 12.96 -32.88 3.32
N SER B 54 12.35 -31.93 2.63
CA SER B 54 13.04 -30.74 2.23
C SER B 54 13.26 -29.77 3.40
N LEU B 55 12.63 -30.03 4.54
CA LEU B 55 12.64 -29.11 5.69
C LEU B 55 13.39 -29.64 6.92
N ILE B 56 14.05 -30.81 6.81
CA ILE B 56 14.54 -31.47 8.05
C ILE B 56 16.05 -31.57 8.17
N THR B 57 16.80 -31.23 7.12
CA THR B 57 18.26 -31.03 7.29
C THR B 57 18.65 -29.60 6.93
N GLU B 58 19.72 -29.10 7.54
CA GLU B 58 20.19 -27.76 7.24
C GLU B 58 20.52 -27.57 5.77
N GLU B 59 21.07 -28.61 5.14
CA GLU B 59 21.42 -28.52 3.75
C GLU B 59 20.11 -28.35 2.92
N ASN B 60 19.10 -29.15 3.24
CA ASN B 60 17.84 -29.06 2.52
C ASN B 60 17.15 -27.70 2.76
N ILE B 61 17.24 -27.21 3.99
CA ILE B 61 16.66 -25.91 4.32
C ILE B 61 17.31 -24.81 3.48
N ILE B 62 18.64 -24.80 3.46
CA ILE B 62 19.35 -23.84 2.67
C ILE B 62 18.92 -23.87 1.21
N ASN B 63 18.92 -25.08 0.64
CA ASN B 63 18.71 -25.23 -0.77
C ASN B 63 17.25 -25.00 -1.20
N ASN B 64 16.30 -25.31 -0.31
CA ASN B 64 14.88 -25.30 -0.71
C ASN B 64 14.15 -24.07 -0.13
N VAL B 65 14.49 -23.67 1.09
CA VAL B 65 13.84 -22.50 1.66
C VAL B 65 14.49 -21.21 1.18
N GLY B 66 15.81 -21.24 1.03
CA GLY B 66 16.55 -20.06 0.62
C GLY B 66 15.97 -19.31 -0.58
N PRO B 67 15.76 -20.02 -1.71
CA PRO B 67 15.21 -19.36 -2.89
C PRO B 67 13.87 -18.68 -2.63
N ILE B 68 13.01 -19.34 -1.86
CA ILE B 68 11.71 -18.78 -1.55
C ILE B 68 11.81 -17.47 -0.75
N LEU B 69 12.73 -17.44 0.22
CA LEU B 69 12.98 -16.21 1.00
C LEU B 69 13.42 -15.06 0.05
N LYS B 70 14.33 -15.37 -0.89
CA LYS B 70 14.86 -14.39 -1.75
C LYS B 70 13.83 -13.86 -2.76
N TYR B 71 13.07 -14.78 -3.40
CA TYR B 71 12.02 -14.34 -4.31
C TYR B 71 11.00 -13.44 -3.58
N TYR B 72 10.58 -13.87 -2.39
CA TYR B 72 9.66 -13.09 -1.60
C TYR B 72 10.23 -11.71 -1.21
N ARG B 73 11.50 -11.72 -0.77
CA ARG B 73 12.15 -10.47 -0.42
C ARG B 73 12.10 -9.49 -1.60
N HIS B 74 12.43 -9.98 -2.80
CA HIS B 74 12.40 -9.12 -3.99
C HIS B 74 11.01 -8.59 -4.30
N SER B 75 10.01 -9.45 -4.15
CA SER B 75 8.69 -9.11 -4.60
C SER B 75 8.14 -7.83 -3.93
N ILE B 76 8.51 -7.61 -2.65
CA ILE B 76 7.99 -6.48 -1.88
C ILE B 76 9.12 -5.49 -1.53
N ASN B 77 10.34 -5.83 -1.89
CA ASN B 77 11.53 -5.04 -1.52
C ASN B 77 11.66 -4.97 -0.02
N ALA B 78 11.58 -6.12 0.64
CA ALA B 78 11.81 -6.20 2.08
C ALA B 78 13.31 -5.91 2.36
N LEU B 79 13.62 -5.50 3.57
CA LEU B 79 15.00 -5.33 3.99
C LEU B 79 15.70 -6.66 4.27
N ASN B 80 15.02 -7.53 5.03
CA ASN B 80 15.50 -8.85 5.33
C ASN B 80 14.33 -9.80 5.36
N VAL B 81 14.58 -11.02 4.93
CA VAL B 81 13.64 -12.13 5.10
C VAL B 81 14.44 -13.32 5.58
N TYR B 82 14.03 -13.95 6.66
CA TYR B 82 14.85 -14.97 7.31
C TYR B 82 14.08 -16.04 8.03
N LEU B 83 14.75 -17.15 8.27
CA LEU B 83 14.16 -18.28 9.03
C LEU B 83 15.09 -18.64 10.17
N GLY B 84 14.64 -18.44 11.39
CA GLY B 84 15.41 -18.81 12.57
C GLY B 84 15.14 -20.24 12.97
N LEU B 85 16.20 -20.95 13.28
CA LEU B 85 16.12 -22.31 13.81
C LEU B 85 16.33 -22.42 15.33
N ASN B 86 15.86 -23.53 15.90
CA ASN B 86 16.02 -23.82 17.34
C ASN B 86 17.45 -23.80 17.85
N ASN B 87 18.38 -24.26 17.02
CA ASN B 87 19.79 -24.26 17.36
C ASN B 87 20.42 -22.88 17.31
N GLY B 88 19.59 -21.88 16.96
CA GLY B 88 20.03 -20.51 16.97
C GLY B 88 20.49 -20.04 15.61
N LYS B 89 20.59 -20.97 14.65
CA LYS B 89 21.03 -20.63 13.29
C LYS B 89 19.93 -19.89 12.55
N VAL B 90 20.33 -19.00 11.65
N VAL B 90 20.33 -18.99 11.66
CA VAL B 90 19.36 -18.24 10.87
CA VAL B 90 19.39 -18.20 10.86
C VAL B 90 19.73 -18.26 9.41
C VAL B 90 19.75 -18.32 9.39
N LEU B 91 18.77 -18.65 8.58
CA LEU B 91 18.87 -18.57 7.13
C LEU B 91 18.43 -17.19 6.71
N LEU B 92 19.36 -16.37 6.20
CA LEU B 92 19.12 -14.96 6.04
C LEU B 92 19.22 -14.51 4.60
N SER B 93 18.12 -13.90 4.08
CA SER B 93 18.14 -13.28 2.80
C SER B 93 18.12 -11.76 2.96
N GLN B 94 19.20 -11.09 2.53
CA GLN B 94 19.37 -9.69 2.87
C GLN B 94 19.55 -8.80 1.66
N LYS B 95 18.79 -7.71 1.66
CA LYS B 95 18.89 -6.68 0.64
C LYS B 95 20.32 -6.19 0.50
N SER B 96 21.00 -6.05 1.65
CA SER B 96 22.30 -5.37 1.74
C SER B 96 23.35 -6.15 0.97
N ASN B 97 23.02 -7.41 0.67
CA ASN B 97 23.82 -8.12 -0.32
C ASN B 97 23.06 -9.15 -1.12
N ASP B 98 22.68 -8.74 -2.31
N ASP B 98 22.65 -8.72 -2.31
CA ASP B 98 21.69 -9.46 -3.11
CA ASP B 98 21.68 -9.46 -3.11
C ASP B 98 22.28 -10.50 -4.08
C ASP B 98 22.29 -10.52 -4.07
N ALA B 99 23.58 -10.44 -4.33
CA ALA B 99 24.22 -11.35 -5.33
C ALA B 99 24.24 -12.83 -4.93
N LYS B 100 24.49 -13.12 -3.65
CA LYS B 100 24.61 -14.52 -3.22
C LYS B 100 23.30 -15.02 -2.63
N MET B 101 23.25 -16.34 -2.49
CA MET B 101 22.06 -17.01 -2.00
C MET B 101 22.05 -16.97 -0.51
N PRO B 102 20.85 -17.05 0.09
CA PRO B 102 20.77 -17.01 1.55
C PRO B 102 21.63 -18.10 2.20
N GLU B 103 22.28 -17.73 3.31
CA GLU B 103 23.21 -18.57 4.00
C GLU B 103 22.76 -18.73 5.44
N LEU B 104 23.15 -19.84 6.05
N LEU B 104 23.21 -19.80 6.06
CA LEU B 104 22.91 -20.11 7.45
CA LEU B 104 22.90 -20.13 7.43
C LEU B 104 24.00 -19.45 8.26
C LEU B 104 23.99 -19.57 8.33
N ARG B 105 23.60 -18.73 9.29
CA ARG B 105 24.53 -18.08 10.23
C ARG B 105 24.16 -18.51 11.64
N ASP B 106 25.15 -18.85 12.49
CA ASP B 106 24.85 -19.05 13.92
C ASP B 106 25.17 -17.77 14.66
N ASP B 107 24.79 -16.67 14.05
CA ASP B 107 25.40 -15.38 14.28
C ASP B 107 24.65 -14.54 15.34
N LEU B 108 23.35 -14.80 15.52
CA LEU B 108 22.38 -13.72 15.79
C LEU B 108 21.65 -13.68 17.14
N ASP B 109 21.95 -14.61 18.06
CA ASP B 109 21.34 -14.62 19.41
C ASP B 109 19.81 -14.45 19.35
N ILE B 110 19.19 -15.34 18.57
CA ILE B 110 17.79 -15.21 18.20
C ILE B 110 16.85 -15.78 19.22
N LYS B 111 17.27 -16.87 19.90
CA LYS B 111 16.36 -17.62 20.79
C LYS B 111 15.92 -16.75 21.98
N THR B 112 16.54 -15.58 22.16
CA THR B 112 16.13 -14.66 23.19
C THR B 112 15.47 -13.37 22.69
N LYS B 113 15.22 -13.27 21.37
CA LYS B 113 14.64 -12.06 20.76
C LYS B 113 13.13 -12.22 20.62
N ASP B 114 12.42 -11.11 20.75
CA ASP B 114 10.97 -11.13 20.77
C ASP B 114 10.38 -11.72 19.50
N TRP B 115 10.94 -11.37 18.34
CA TRP B 115 10.34 -11.81 17.07
C TRP B 115 10.29 -13.33 17.04
N TYR B 116 11.30 -13.93 17.67
CA TYR B 116 11.44 -15.38 17.74
C TYR B 116 10.54 -15.96 18.83
N GLN B 117 10.75 -15.50 20.07
CA GLN B 117 10.01 -16.01 21.22
C GLN B 117 8.52 -15.81 21.15
N GLU B 118 8.11 -14.60 20.76
CA GLU B 118 6.68 -14.31 20.70
C GLU B 118 5.94 -15.05 19.61
N ALA B 119 6.64 -15.36 18.52
CA ALA B 119 5.96 -16.08 17.46
C ALA B 119 5.63 -17.49 17.91
N LEU B 120 6.49 -18.03 18.77
CA LEU B 120 6.29 -19.40 19.30
C LEU B 120 5.09 -19.47 20.27
N LYS B 121 4.61 -18.32 20.74
CA LYS B 121 3.49 -18.26 21.72
C LYS B 121 2.11 -18.01 21.08
N THR B 122 2.07 -17.85 19.77
CA THR B 122 0.86 -17.50 19.07
C THR B 122 0.68 -18.28 17.77
N ASN B 123 -0.57 -18.32 17.34
CA ASN B 123 -1.05 -19.01 16.19
C ASN B 123 -0.86 -18.25 14.88
N ASP B 124 -0.64 -16.93 14.94
CA ASP B 124 -0.64 -16.11 13.74
C ASP B 124 0.62 -15.21 13.82
N ILE B 125 0.53 -14.08 13.14
N ILE B 125 0.54 -14.09 13.13
CA ILE B 125 1.68 -13.21 12.96
CA ILE B 125 1.69 -13.21 13.00
C ILE B 125 1.92 -12.44 14.25
C ILE B 125 1.91 -12.42 14.26
N PHE B 126 3.17 -12.34 14.65
CA PHE B 126 3.58 -11.47 15.69
C PHE B 126 4.15 -10.20 15.04
N VAL B 127 3.59 -9.03 15.39
CA VAL B 127 4.10 -7.78 14.91
C VAL B 127 4.95 -7.15 15.97
N THR B 128 6.23 -7.02 15.75
CA THR B 128 7.12 -6.37 16.70
C THR B 128 6.91 -4.85 16.58
N PRO B 129 6.47 -4.20 17.68
CA PRO B 129 6.30 -2.73 17.58
C PRO B 129 7.59 -2.06 17.00
N ALA B 130 7.40 -1.08 16.13
CA ALA B 130 8.53 -0.40 15.50
C ALA B 130 9.47 0.11 16.58
N TYR B 131 10.75 -0.07 16.38
CA TYR B 131 11.78 0.34 17.39
C TYR B 131 12.99 0.87 16.72
N LEU B 132 13.73 1.76 17.42
CA LEU B 132 14.95 2.32 16.85
C LEU B 132 16.12 1.43 17.24
N ASP B 133 16.77 0.86 16.23
CA ASP B 133 17.82 -0.09 16.43
C ASP B 133 19.11 0.70 16.47
N THR B 134 19.77 0.69 17.64
CA THR B 134 20.89 1.57 17.96
C THR B 134 22.16 1.30 17.14
N VAL B 135 22.38 0.02 16.85
CA VAL B 135 23.56 -0.45 16.14
C VAL B 135 23.37 -0.32 14.63
N LEU B 136 22.17 -0.65 14.16
CA LEU B 136 21.82 -0.50 12.77
C LEU B 136 21.54 0.97 12.38
N LYS B 137 21.18 1.77 13.41
CA LYS B 137 20.91 3.22 13.27
C LYS B 137 19.69 3.52 12.38
N GLN B 138 18.64 2.70 12.54
CA GLN B 138 17.31 3.06 12.04
C GLN B 138 16.22 2.23 12.70
N TYR B 139 14.99 2.69 12.46
CA TYR B 139 13.80 1.99 12.89
C TYR B 139 13.71 0.67 12.15
N VAL B 140 13.29 -0.36 12.90
CA VAL B 140 13.06 -1.71 12.32
C VAL B 140 11.58 -2.09 12.52
N ILE B 141 10.99 -2.60 11.46
CA ILE B 141 9.60 -3.04 11.45
C ILE B 141 9.55 -4.51 11.08
N THR B 142 9.36 -5.37 12.07
CA THR B 142 9.45 -6.82 11.89
C THR B 142 8.12 -7.55 12.05
N TYR B 143 7.92 -8.54 11.19
CA TYR B 143 6.76 -9.45 11.26
C TYR B 143 7.33 -10.85 11.39
N SER B 144 6.73 -11.67 12.23
CA SER B 144 7.26 -13.05 12.40
C SER B 144 6.13 -14.05 12.58
N LYS B 145 6.41 -15.29 12.22
CA LYS B 145 5.43 -16.39 12.31
C LYS B 145 6.15 -17.72 12.46
N ALA B 146 5.73 -18.51 13.45
CA ALA B 146 6.23 -19.88 13.60
C ALA B 146 5.78 -20.77 12.47
N ILE B 147 6.73 -21.50 11.87
N ILE B 147 6.71 -21.51 11.87
CA ILE B 147 6.48 -22.41 10.78
CA ILE B 147 6.42 -22.40 10.76
C ILE B 147 6.41 -23.81 11.32
C ILE B 147 6.43 -23.81 11.27
N TYR B 148 5.30 -24.49 11.05
CA TYR B 148 5.09 -25.86 11.43
C TYR B 148 4.92 -26.68 10.16
N LYS B 149 5.50 -27.86 10.17
CA LYS B 149 5.28 -28.88 9.13
C LYS B 149 4.71 -30.12 9.80
N ASP B 150 3.51 -30.51 9.35
CA ASP B 150 2.81 -31.66 9.91
C ASP B 150 2.77 -31.55 11.44
N GLY B 151 2.57 -30.31 11.89
CA GLY B 151 2.47 -29.99 13.30
C GLY B 151 3.74 -29.88 14.10
N LYS B 152 4.88 -30.02 13.46
CA LYS B 152 6.18 -29.96 14.11
C LYS B 152 6.91 -28.64 13.75
N ILE B 153 7.51 -28.03 14.73
CA ILE B 153 8.11 -26.70 14.57
C ILE B 153 9.36 -26.86 13.73
N ILE B 154 9.44 -26.06 12.69
CA ILE B 154 10.65 -26.00 11.81
C ILE B 154 11.50 -24.81 12.22
N GLY B 155 10.84 -23.67 12.47
CA GLY B 155 11.58 -22.47 12.92
C GLY B 155 10.62 -21.32 12.88
N VAL B 156 11.15 -20.12 12.98
CA VAL B 156 10.37 -18.89 12.94
C VAL B 156 10.78 -18.03 11.79
N LEU B 157 9.81 -17.70 10.94
CA LEU B 157 10.01 -16.80 9.81
C LEU B 157 9.99 -15.38 10.32
N GLY B 158 10.91 -14.57 9.83
CA GLY B 158 10.95 -13.14 10.12
C GLY B 158 11.04 -12.34 8.83
N VAL B 159 10.35 -11.20 8.81
CA VAL B 159 10.34 -10.28 7.70
C VAL B 159 10.54 -8.85 8.20
N ASP B 160 11.59 -8.19 7.76
CA ASP B 160 11.80 -6.78 8.11
C ASP B 160 11.40 -5.94 6.90
N ILE B 161 10.43 -5.04 7.10
CA ILE B 161 10.01 -4.08 6.07
C ILE B 161 10.63 -2.72 6.32
N PRO B 162 11.17 -2.07 5.28
CA PRO B 162 11.90 -0.78 5.51
C PRO B 162 11.02 0.23 6.19
N SER B 163 11.53 0.79 7.27
CA SER B 163 10.73 1.73 8.03
C SER B 163 10.51 3.01 7.25
N GLU B 164 11.45 3.35 6.35
CA GLU B 164 11.29 4.54 5.52
C GLU B 164 10.08 4.48 4.65
N ASP B 165 9.63 3.27 4.34
CA ASP B 165 8.44 3.12 3.53
C ASP B 165 7.22 3.76 4.24
N LEU B 166 7.07 3.44 5.49
CA LEU B 166 5.95 4.00 6.28
C LEU B 166 6.20 5.47 6.67
N GLN B 167 7.42 5.77 7.01
CA GLN B 167 7.78 7.19 7.32
C GLN B 167 7.43 8.06 6.15
N ASN B 168 7.85 7.69 4.95
CA ASN B 168 7.56 8.43 3.77
C ASN B 168 6.09 8.51 3.45
N LEU B 169 5.35 7.40 3.65
CA LEU B 169 3.94 7.38 3.39
C LEU B 169 3.20 8.34 4.35
N VAL B 170 3.60 8.30 5.63
CA VAL B 170 3.01 9.27 6.61
C VAL B 170 3.31 10.69 6.21
N ALA B 171 4.55 10.92 5.85
CA ALA B 171 4.99 12.27 5.46
C ALA B 171 4.20 12.87 4.37
N LYS B 172 3.82 12.04 3.38
CA LYS B 172 3.08 12.54 2.21
C LYS B 172 1.58 12.77 2.43
N THR B 173 1.04 12.32 3.58
CA THR B 173 -0.39 12.55 3.85
C THR B 173 -0.65 14.08 4.02
N PRO B 174 -1.84 14.55 3.67
CA PRO B 174 -2.19 15.95 3.95
C PRO B 174 -2.31 16.16 5.49
N GLY B 175 -2.20 17.40 5.89
CA GLY B 175 -2.34 17.75 7.29
C GLY B 175 -1.08 17.59 8.09
N ASN B 176 -1.05 18.27 9.23
CA ASN B 176 0.12 18.25 10.09
C ASN B 176 0.03 17.04 11.01
N THR B 177 0.16 15.89 10.41
CA THR B 177 0.05 14.59 11.10
C THR B 177 1.44 14.00 11.43
N PHE B 178 1.46 13.19 12.46
CA PHE B 178 2.65 12.58 12.94
C PHE B 178 2.41 11.33 13.76
N LEU B 179 3.42 10.48 13.84
N LEU B 179 3.45 10.53 13.94
CA LEU B 179 3.31 9.18 14.52
CA LEU B 179 3.30 9.21 14.50
C LEU B 179 4.37 9.05 15.58
C LEU B 179 4.39 8.92 15.54
N PHE B 180 3.97 8.55 16.73
CA PHE B 180 4.89 8.17 17.79
C PHE B 180 5.02 6.67 17.85
N ASP B 181 6.21 6.20 18.17
CA ASP B 181 6.41 4.77 18.50
C ASP B 181 5.84 4.41 19.88
N GLN B 182 5.98 3.15 20.27
N GLN B 182 5.96 3.14 20.27
CA GLN B 182 5.45 2.61 21.50
CA GLN B 182 5.39 2.65 21.50
C GLN B 182 6.06 3.31 22.72
C GLN B 182 6.05 3.30 22.72
N LYS B 183 7.25 3.86 22.55
CA LYS B 183 7.96 4.52 23.67
C LYS B 183 7.70 6.03 23.67
N ASN B 184 6.70 6.46 22.91
CA ASN B 184 6.35 7.86 22.79
C ASN B 184 7.44 8.74 22.25
N LYS B 185 8.24 8.18 21.37
CA LYS B 185 9.27 8.87 20.66
C LYS B 185 8.76 9.07 19.23
N ILE B 186 9.01 10.22 18.66
CA ILE B 186 8.52 10.54 17.34
C ILE B 186 9.16 9.66 16.28
N PHE B 187 8.34 9.15 15.36
CA PHE B 187 8.72 8.15 14.37
C PHE B 187 8.55 8.66 12.93
N ALA B 188 7.43 9.32 12.66
CA ALA B 188 7.13 9.80 11.30
C ALA B 188 6.36 11.10 11.44
N ALA B 189 6.43 11.94 10.42
CA ALA B 189 5.80 13.27 10.44
C ALA B 189 5.76 13.92 9.06
N THR B 190 4.66 14.61 8.75
CA THR B 190 4.55 15.45 7.54
C THR B 190 5.57 16.59 7.61
N ASN B 191 5.64 17.21 8.78
CA ASN B 191 6.68 18.19 9.02
C ASN B 191 7.89 17.50 9.52
N LYS B 192 8.86 17.33 8.63
CA LYS B 192 10.05 16.58 8.94
C LYS B 192 10.88 17.13 10.10
N GLU B 193 10.67 18.41 10.41
CA GLU B 193 11.29 19.01 11.60
C GLU B 193 10.89 18.35 12.86
N LEU B 194 9.65 17.88 12.93
CA LEU B 194 9.14 17.27 14.13
C LEU B 194 9.93 16.03 14.55
N LEU B 195 10.63 15.40 13.60
CA LEU B 195 11.40 14.19 13.88
C LEU B 195 12.63 14.44 14.73
N ASN B 196 13.03 15.68 14.84
CA ASN B 196 14.21 16.05 15.62
C ASN B 196 14.01 15.79 17.11
N PRO B 197 14.96 15.10 17.75
CA PRO B 197 14.86 14.70 19.15
C PRO B 197 14.74 15.86 20.11
N SER B 198 15.18 17.06 19.69
CA SER B 198 15.07 18.26 20.52
C SER B 198 13.66 18.88 20.56
N ILE B 199 12.75 18.37 19.77
CA ILE B 199 11.36 18.85 19.82
C ILE B 199 10.71 18.27 21.07
N ASP B 200 10.09 19.13 21.88
CA ASP B 200 9.35 18.70 23.04
C ASP B 200 7.94 18.34 22.67
N HIS B 201 7.64 17.03 22.64
CA HIS B 201 6.30 16.53 22.37
C HIS B 201 5.44 16.26 23.60
N SER B 202 6.00 16.55 24.78
N SER B 202 5.98 16.53 24.79
CA SER B 202 5.27 16.34 26.03
CA SER B 202 5.22 16.30 26.02
C SER B 202 3.93 17.06 26.10
C SER B 202 3.92 17.07 26.13
N PRO B 203 3.86 18.32 25.62
CA PRO B 203 2.57 18.99 25.77
C PRO B 203 1.47 18.32 25.00
N VAL B 204 1.77 17.83 23.78
CA VAL B 204 0.72 17.17 23.01
C VAL B 204 0.33 15.87 23.64
N LEU B 205 1.31 15.08 24.06
CA LEU B 205 1.09 13.80 24.67
C LEU B 205 0.40 13.90 26.05
N ASN B 206 0.79 14.85 26.85
CA ASN B 206 0.10 15.11 28.16
C ASN B 206 -1.35 15.49 27.97
N ALA B 207 -1.63 16.34 26.98
CA ALA B 207 -3.00 16.69 26.66
C ALA B 207 -3.80 15.53 26.18
N TYR B 208 -3.23 14.72 25.30
CA TYR B 208 -3.91 13.54 24.81
C TYR B 208 -4.34 12.60 25.96
N LYS B 209 -3.52 12.47 26.97
CA LYS B 209 -3.82 11.56 28.13
C LYS B 209 -5.11 11.97 28.82
N LEU B 210 -5.43 13.26 28.76
CA LEU B 210 -6.70 13.75 29.39
C LEU B 210 -7.94 13.57 28.51
N ASN B 211 -7.74 13.22 27.24
CA ASN B 211 -8.81 13.32 26.26
C ASN B 211 -9.30 12.10 25.54
N GLY B 212 -8.50 11.10 25.42
CA GLY B 212 -9.03 9.96 24.59
C GLY B 212 -9.08 10.17 23.07
N ASP B 213 -9.28 9.07 22.39
CA ASP B 213 -9.00 9.02 20.94
C ASP B 213 -9.89 9.91 20.09
N ASN B 214 -9.27 10.70 19.22
CA ASN B 214 -9.90 11.53 18.24
C ASN B 214 -10.66 12.72 18.83
N ASN B 215 -10.46 12.98 20.13
CA ASN B 215 -11.08 14.13 20.78
C ASN B 215 -10.14 15.30 20.76
N PHE B 216 -10.59 16.43 20.25
CA PHE B 216 -9.74 17.61 20.18
C PHE B 216 -9.50 18.30 21.48
N PHE B 217 -8.27 18.76 21.64
CA PHE B 217 -7.80 19.44 22.85
C PHE B 217 -6.92 20.65 22.55
N SER B 218 -6.94 21.63 23.45
N SER B 218 -6.96 21.63 23.45
CA SER B 218 -5.99 22.71 23.39
CA SER B 218 -6.00 22.72 23.40
C SER B 218 -4.72 22.34 24.17
C SER B 218 -4.73 22.35 24.17
N TYR B 219 -3.61 22.89 23.72
CA TYR B 219 -2.34 22.76 24.42
C TYR B 219 -1.46 23.93 24.00
N LYS B 220 -0.36 24.11 24.72
CA LYS B 220 0.60 25.14 24.44
C LYS B 220 2.01 24.59 24.29
N LEU B 221 2.74 25.12 23.33
CA LEU B 221 4.18 24.90 23.24
C LEU B 221 4.86 26.23 22.88
N ASN B 222 5.90 26.57 23.64
CA ASN B 222 6.67 27.83 23.42
C ASN B 222 5.75 29.04 23.32
N ASN B 223 4.74 29.07 24.19
CA ASN B 223 3.76 30.16 24.21
C ASN B 223 2.84 30.28 22.99
N GLU B 224 2.74 29.22 22.19
CA GLU B 224 1.80 29.20 21.10
C GLU B 224 0.63 28.29 21.46
N GLU B 225 -0.60 28.83 21.41
CA GLU B 225 -1.81 28.01 21.61
C GLU B 225 -2.02 27.15 20.35
N ARG B 226 -2.31 25.86 20.57
CA ARG B 226 -2.50 24.94 19.48
C ARG B 226 -3.70 24.06 19.78
N LEU B 227 -4.18 23.37 18.75
CA LEU B 227 -5.28 22.42 18.87
C LEU B 227 -4.82 21.10 18.28
N GLY B 228 -5.08 20.01 19.02
CA GLY B 228 -4.66 18.66 18.57
C GLY B 228 -5.64 17.59 18.87
N ALA B 229 -5.42 16.45 18.22
CA ALA B 229 -6.10 15.21 18.51
C ALA B 229 -5.17 14.06 18.22
N CYS B 230 -5.27 13.01 19.00
CA CYS B 230 -4.47 11.82 18.80
C CYS B 230 -5.32 10.61 18.94
N THR B 231 -4.82 9.49 18.38
CA THR B 231 -5.52 8.22 18.53
C THR B 231 -4.46 7.13 18.58
N LYS B 232 -4.76 6.04 19.29
CA LYS B 232 -3.93 4.82 19.22
C LYS B 232 -4.15 4.12 17.91
N VAL B 233 -3.05 3.70 17.27
CA VAL B 233 -3.17 2.81 16.10
C VAL B 233 -2.16 1.67 16.31
N PHE B 234 -2.64 0.52 16.79
CA PHE B 234 -1.74 -0.54 17.28
C PHE B 234 -0.80 0.01 18.33
N ALA B 235 0.48 -0.23 18.24
CA ALA B 235 1.43 0.26 19.21
C ALA B 235 1.81 1.72 19.03
N TYR B 236 1.36 2.30 17.92
CA TYR B 236 1.67 3.69 17.60
C TYR B 236 0.63 4.62 18.18
N THR B 237 1.00 5.90 18.29
CA THR B 237 0.05 6.98 18.52
C THR B 237 0.11 7.96 17.37
N ALA B 238 -1.01 8.19 16.69
CA ALA B 238 -1.10 9.11 15.58
C ALA B 238 -1.72 10.41 16.07
N CYS B 239 -1.15 11.54 15.68
CA CYS B 239 -1.69 12.85 16.11
C CYS B 239 -1.79 13.80 14.93
N ILE B 240 -2.69 14.77 15.05
CA ILE B 240 -2.68 15.92 14.19
C ILE B 240 -2.74 17.16 15.06
N THR B 241 -2.00 18.20 14.71
CA THR B 241 -2.09 19.46 15.46
C THR B 241 -2.07 20.63 14.50
N GLU B 242 -2.58 21.76 14.99
CA GLU B 242 -2.59 22.99 14.22
C GLU B 242 -2.51 24.17 15.16
N SER B 243 -1.96 25.27 14.68
CA SER B 243 -1.95 26.50 15.45
C SER B 243 -3.38 26.99 15.65
N ALA B 244 -3.66 27.50 16.86
CA ALA B 244 -4.96 28.09 17.14
C ALA B 244 -5.28 29.28 16.24
N ASP B 245 -4.25 29.99 15.82
CA ASP B 245 -4.39 31.11 14.85
C ASP B 245 -4.55 30.67 13.39
N ILE B 246 -4.46 29.36 13.11
CA ILE B 246 -4.90 28.84 11.83
C ILE B 246 -6.32 28.31 11.92
N ILE B 247 -6.63 27.62 13.00
CA ILE B 247 -7.99 27.13 13.25
C ILE B 247 -8.99 28.29 13.25
N ASN B 248 -8.57 29.37 13.89
CA ASN B 248 -9.37 30.61 13.94
C ASN B 248 -8.41 31.75 13.55
N LYS B 249 -8.43 32.08 12.24
CA LYS B 249 -7.53 33.10 11.73
C LYS B 249 -7.94 34.48 12.27
N PRO B 250 -7.06 35.11 13.05
CA PRO B 250 -7.47 36.40 13.62
C PRO B 250 -7.49 37.50 12.57
N ILE B 251 -8.41 38.43 12.72
CA ILE B 251 -8.45 39.58 11.83
C ILE B 251 -7.25 40.49 12.01
N TYR B 252 -6.69 40.50 13.20
CA TYR B 252 -5.49 41.24 13.52
C TYR B 252 -4.43 40.31 14.11
N LYS B 253 -3.30 40.20 13.44
CA LYS B 253 -2.26 39.24 13.88
C LYS B 253 -1.52 39.80 15.07
N ALA B 254 -1.07 38.89 15.95
CA ALA B 254 -0.30 39.26 17.12
C ALA B 254 1.05 39.95 16.82
#